data_8AK2
#
_entry.id   8AK2
#
_cell.length_a   95.424
_cell.length_b   95.424
_cell.length_c   164.767
_cell.angle_alpha   90.000
_cell.angle_beta   90.000
_cell.angle_gamma   120.000
#
_symmetry.space_group_name_H-M   'P 63 2 2'
#
loop_
_entity.id
_entity.type
_entity.pdbx_description
1 polymer Obscurin
2 non-polymer GLYCEROL
3 non-polymer 2-AMINO-2-HYDROXYMETHYL-PROPANE-1,3-DIOL
4 water water
#
_entity_poly.entity_id   1
_entity_poly.type   'polypeptide(L)'
_entity_poly.pdbx_seq_one_letter_code
;GPYDIGDELGRGTQGITYHAVERSSGDNYAAKIMYGRPELRPFMLNELEMMNTFNHKNLIRPYDAYDTDRSVTLIMELAA
GGELVRDNLLRRDYYTERDIAHYIRQTLWGLEHMHEMGVGHMGLTIKDLLISVVGGDIIKVSDFGLSRKINRHNLSTLDY
GMPEFVSPEVVNKEGVNFSHDMWTVGLITYVLLGGHNPFLGIDDRETLTKIREGRWDFKDEIWTHISDDGRDFISRLLLY
SPEERMDVKTALKHPWFFMLDRPVYDHDYQIGTDRLRNYYDHFRDWYANASCKNYFR
;
_entity_poly.pdbx_strand_id   A
#
# COMPACT_ATOMS: atom_id res chain seq x y z
N GLY A 1 -28.64 4.13 -17.46
CA GLY A 1 -27.45 3.68 -16.78
C GLY A 1 -27.33 4.21 -15.36
N PRO A 2 -26.92 3.35 -14.43
CA PRO A 2 -27.01 3.73 -13.02
C PRO A 2 -25.93 4.69 -12.52
N TYR A 3 -24.80 4.85 -13.22
CA TYR A 3 -23.66 5.61 -12.69
C TYR A 3 -23.31 6.76 -13.60
N ASP A 4 -23.09 7.92 -12.99
CA ASP A 4 -22.64 9.12 -13.68
C ASP A 4 -21.16 9.27 -13.37
N ILE A 5 -20.31 9.02 -14.37
CA ILE A 5 -18.87 9.00 -14.18
C ILE A 5 -18.33 10.42 -14.26
N GLY A 6 -17.57 10.82 -13.23
CA GLY A 6 -17.00 12.16 -13.18
C GLY A 6 -15.48 12.20 -13.29
N ASP A 7 -14.84 12.98 -12.43
CA ASP A 7 -13.41 13.26 -12.56
C ASP A 7 -12.52 12.08 -12.16
N GLU A 8 -11.34 12.02 -12.78
CA GLU A 8 -10.30 11.09 -12.38
C GLU A 8 -9.84 11.33 -10.94
N LEU A 9 -9.75 10.25 -10.17
CA LEU A 9 -9.28 10.29 -8.79
C LEU A 9 -7.90 9.68 -8.61
N GLY A 10 -7.55 8.65 -9.38
CA GLY A 10 -6.27 7.99 -9.23
C GLY A 10 -6.03 7.12 -10.44
N ARG A 11 -4.81 6.62 -10.54
CA ARG A 11 -4.52 5.70 -11.62
C ARG A 11 -3.47 4.69 -11.18
N GLY A 12 -3.55 3.51 -11.78
CA GLY A 12 -2.69 2.40 -11.44
C GLY A 12 -2.30 1.64 -12.68
N THR A 13 -1.84 0.40 -12.50
CA THR A 13 -1.37 -0.38 -13.65
C THR A 13 -2.51 -1.06 -14.40
N GLN A 14 -3.68 -1.22 -13.76
CA GLN A 14 -4.81 -1.88 -14.41
C GLN A 14 -5.77 -0.92 -15.06
N GLY A 15 -5.84 0.31 -14.58
CA GLY A 15 -6.77 1.28 -15.14
C GLY A 15 -6.76 2.56 -14.34
N ILE A 16 -7.77 3.38 -14.61
CA ILE A 16 -7.94 4.68 -13.98
C ILE A 16 -9.20 4.64 -13.12
N THR A 17 -9.12 5.24 -11.94
CA THR A 17 -10.26 5.29 -11.03
C THR A 17 -10.90 6.67 -11.09
N TYR A 18 -12.23 6.71 -11.26
CA TYR A 18 -13.00 7.93 -11.40
C TYR A 18 -14.03 8.06 -10.28
N HIS A 19 -14.42 9.29 -10.00
CA HIS A 19 -15.59 9.51 -9.15
C HIS A 19 -16.85 9.07 -9.89
N ALA A 20 -17.73 8.35 -9.20
CA ALA A 20 -18.99 7.93 -9.79
C ALA A 20 -20.13 8.22 -8.83
N VAL A 21 -21.24 8.71 -9.36
CA VAL A 21 -22.44 8.97 -8.58
C VAL A 21 -23.48 7.93 -8.98
N GLU A 22 -24.02 7.21 -7.99
CA GLU A 22 -25.19 6.37 -8.24
C GLU A 22 -26.42 7.27 -8.40
N ARG A 23 -26.95 7.36 -9.62
CA ARG A 23 -28.03 8.30 -9.91
C ARG A 23 -29.21 8.15 -8.95
N SER A 24 -29.64 6.90 -8.72
CA SER A 24 -30.87 6.64 -7.99
C SER A 24 -30.79 7.04 -6.52
N SER A 25 -29.60 7.17 -5.97
CA SER A 25 -29.41 7.54 -4.57
C SER A 25 -28.70 8.86 -4.35
N GLY A 26 -27.86 9.29 -5.30
CA GLY A 26 -26.93 10.36 -5.05
C GLY A 26 -25.67 9.96 -4.31
N ASP A 27 -25.52 8.67 -3.96
CA ASP A 27 -24.34 8.22 -3.24
C ASP A 27 -23.11 8.21 -4.14
N ASN A 28 -21.96 8.43 -3.53
CA ASN A 28 -20.69 8.53 -4.25
C ASN A 28 -19.92 7.22 -4.15
N TYR A 29 -19.37 6.78 -5.28
CA TYR A 29 -18.58 5.56 -5.37
C TYR A 29 -17.31 5.84 -6.18
N ALA A 30 -16.42 4.86 -6.21
CA ALA A 30 -15.24 4.90 -7.07
C ALA A 30 -15.43 3.92 -8.23
N ALA A 31 -15.09 4.36 -9.44
CA ALA A 31 -15.27 3.53 -10.63
C ALA A 31 -13.90 3.26 -11.23
N LYS A 32 -13.41 2.02 -11.13
CA LYS A 32 -12.13 1.65 -11.73
C LYS A 32 -12.37 1.09 -13.13
N ILE A 33 -11.84 1.78 -14.14
CA ILE A 33 -12.07 1.43 -15.54
C ILE A 33 -10.77 0.92 -16.12
N MET A 34 -10.78 -0.33 -16.55
CA MET A 34 -9.61 -1.01 -17.12
C MET A 34 -9.07 -0.25 -18.32
N TYR A 35 -7.74 -0.18 -18.46
CA TYR A 35 -7.17 0.19 -19.74
C TYR A 35 -7.63 -0.81 -20.79
N GLY A 36 -7.71 -0.36 -22.04
CA GLY A 36 -8.24 -1.18 -23.13
C GLY A 36 -7.33 -2.28 -23.65
N ARG A 37 -6.64 -2.99 -22.74
CA ARG A 37 -5.78 -4.10 -23.13
C ARG A 37 -6.37 -5.40 -22.59
N PRO A 38 -6.74 -6.34 -23.46
CA PRO A 38 -7.50 -7.51 -23.00
C PRO A 38 -6.76 -8.38 -22.00
N GLU A 39 -5.43 -8.33 -21.97
CA GLU A 39 -4.70 -9.13 -20.98
C GLU A 39 -4.86 -8.60 -19.55
N LEU A 40 -5.41 -7.39 -19.38
CA LEU A 40 -5.72 -6.92 -18.04
C LEU A 40 -7.01 -7.50 -17.48
N ARG A 41 -7.88 -8.09 -18.31
CA ARG A 41 -9.15 -8.57 -17.80
C ARG A 41 -9.01 -9.57 -16.65
N PRO A 42 -8.11 -10.57 -16.69
CA PRO A 42 -7.96 -11.46 -15.53
C PRO A 42 -7.62 -10.75 -14.25
N PHE A 43 -6.88 -9.65 -14.30
CA PHE A 43 -6.53 -8.93 -13.08
C PHE A 43 -7.75 -8.19 -12.52
N MET A 44 -8.59 -7.64 -13.40
CA MET A 44 -9.83 -7.02 -12.94
C MET A 44 -10.76 -8.05 -12.30
N LEU A 45 -10.89 -9.21 -12.93
CA LEU A 45 -11.76 -10.24 -12.37
C LEU A 45 -11.21 -10.76 -11.05
N ASN A 46 -9.89 -10.85 -10.92
CA ASN A 46 -9.29 -11.28 -9.66
C ASN A 46 -9.58 -10.27 -8.56
N GLU A 47 -9.42 -8.97 -8.85
CA GLU A 47 -9.73 -7.93 -7.87
C GLU A 47 -11.19 -8.00 -7.41
N LEU A 48 -12.12 -8.18 -8.36
CA LEU A 48 -13.53 -8.32 -7.99
C LEU A 48 -13.76 -9.53 -7.08
N GLU A 49 -13.18 -10.68 -7.42
CA GLU A 49 -13.37 -11.88 -6.61
C GLU A 49 -12.79 -11.70 -5.21
N MET A 50 -11.62 -11.06 -5.12
CA MET A 50 -10.97 -10.88 -3.84
C MET A 50 -11.72 -9.90 -2.96
N MET A 51 -12.18 -8.77 -3.53
CA MET A 51 -12.96 -7.82 -2.74
C MET A 51 -14.21 -8.48 -2.17
N ASN A 52 -14.82 -9.39 -2.94
CA ASN A 52 -16.02 -10.06 -2.46
C ASN A 52 -15.72 -11.14 -1.43
N THR A 53 -14.45 -11.46 -1.21
CA THR A 53 -14.07 -12.43 -0.20
C THR A 53 -13.85 -11.78 1.17
N PHE A 54 -13.43 -10.52 1.20
CA PHE A 54 -13.08 -9.86 2.45
C PHE A 54 -14.28 -9.12 3.04
N ASN A 55 -14.26 -8.94 4.36
CA ASN A 55 -15.27 -8.10 5.00
C ASN A 55 -14.62 -7.49 6.25
N HIS A 56 -13.90 -6.39 6.04
CA HIS A 56 -13.13 -5.81 7.14
C HIS A 56 -13.09 -4.29 6.98
N LYS A 57 -13.17 -3.61 8.13
CA LYS A 57 -13.21 -2.15 8.18
C LYS A 57 -12.05 -1.49 7.45
N ASN A 58 -10.89 -2.15 7.36
CA ASN A 58 -9.71 -1.54 6.76
C ASN A 58 -9.42 -2.05 5.36
N LEU A 59 -10.38 -2.72 4.70
CA LEU A 59 -10.25 -3.17 3.31
C LEU A 59 -11.41 -2.61 2.49
N ILE A 60 -11.09 -2.07 1.31
CA ILE A 60 -12.11 -1.49 0.42
C ILE A 60 -13.13 -2.55 0.01
N ARG A 61 -14.44 -2.17 0.05
CA ARG A 61 -15.53 -3.09 -0.27
C ARG A 61 -15.97 -2.96 -1.73
N PRO A 62 -16.45 -4.04 -2.34
CA PRO A 62 -16.99 -3.97 -3.69
C PRO A 62 -18.44 -3.47 -3.68
N TYR A 63 -18.93 -3.10 -4.86
CA TYR A 63 -20.31 -2.66 -4.97
C TYR A 63 -21.00 -3.17 -6.23
N ASP A 64 -20.40 -2.95 -7.40
CA ASP A 64 -21.03 -3.31 -8.67
C ASP A 64 -19.93 -3.60 -9.70
N ALA A 65 -20.34 -4.13 -10.86
CA ALA A 65 -19.41 -4.42 -11.94
C ALA A 65 -20.19 -4.58 -13.23
N TYR A 66 -19.55 -4.22 -14.35
CA TYR A 66 -20.13 -4.45 -15.67
C TYR A 66 -19.00 -4.38 -16.70
N ASP A 67 -19.31 -4.74 -17.95
CA ASP A 67 -18.22 -4.76 -18.92
C ASP A 67 -18.74 -4.57 -20.34
N THR A 68 -17.81 -4.25 -21.24
CA THR A 68 -17.99 -4.38 -22.68
C THR A 68 -17.22 -5.63 -23.11
N ASP A 69 -17.21 -5.90 -24.42
CA ASP A 69 -16.36 -6.99 -24.93
C ASP A 69 -14.92 -6.81 -24.48
N ARG A 70 -14.41 -5.58 -24.55
CA ARG A 70 -13.00 -5.33 -24.26
C ARG A 70 -12.71 -5.02 -22.79
N SER A 71 -13.54 -4.19 -22.13
CA SER A 71 -13.13 -3.54 -20.89
C SER A 71 -14.11 -3.78 -19.74
N VAL A 72 -13.56 -3.91 -18.53
CA VAL A 72 -14.33 -4.14 -17.31
C VAL A 72 -14.32 -2.86 -16.48
N THR A 73 -15.47 -2.52 -15.90
CA THR A 73 -15.60 -1.44 -14.91
C THR A 73 -15.98 -2.06 -13.56
N LEU A 74 -15.27 -1.67 -12.50
CA LEU A 74 -15.59 -2.08 -11.13
C LEU A 74 -16.04 -0.85 -10.35
N ILE A 75 -17.23 -0.93 -9.76
CA ILE A 75 -17.73 0.12 -8.87
C ILE A 75 -17.43 -0.31 -7.44
N MET A 76 -16.75 0.52 -6.66
CA MET A 76 -16.35 0.09 -5.33
C MET A 76 -16.53 1.22 -4.33
N GLU A 77 -16.41 0.88 -3.05
CA GLU A 77 -16.43 1.86 -1.96
C GLU A 77 -15.47 3.00 -2.26
N LEU A 78 -15.93 4.23 -2.03
CA LEU A 78 -15.09 5.41 -2.21
C LEU A 78 -14.43 5.77 -0.88
N ALA A 79 -13.10 5.84 -0.87
CA ALA A 79 -12.37 6.42 0.25
C ALA A 79 -12.38 7.93 0.04
N ALA A 80 -13.29 8.62 0.70
CA ALA A 80 -13.55 10.02 0.37
C ALA A 80 -12.42 10.94 0.82
N GLY A 81 -11.53 10.47 1.70
CA GLY A 81 -10.36 11.28 2.01
C GLY A 81 -9.22 11.15 1.02
N GLY A 82 -9.34 10.27 0.03
CA GLY A 82 -8.30 10.11 -0.98
C GLY A 82 -7.15 9.23 -0.51
N GLU A 83 -6.02 9.39 -1.19
CA GLU A 83 -4.82 8.61 -0.87
C GLU A 83 -4.13 9.21 0.37
N LEU A 84 -3.67 8.32 1.26
CA LEU A 84 -2.95 8.77 2.46
C LEU A 84 -1.86 9.78 2.15
N VAL A 85 -0.96 9.44 1.21
CA VAL A 85 0.20 10.31 0.97
C VAL A 85 -0.23 11.55 0.18
N ARG A 86 -0.75 11.35 -1.05
CA ARG A 86 -1.02 12.49 -1.92
C ARG A 86 -2.03 13.48 -1.30
N ASP A 87 -3.08 12.97 -0.64
CA ASP A 87 -4.22 13.80 -0.27
C ASP A 87 -4.32 14.11 1.21
N ASN A 88 -3.44 13.56 2.04
CA ASN A 88 -3.55 13.79 3.47
C ASN A 88 -2.21 14.24 4.05
N LEU A 89 -1.19 13.37 4.04
CA LEU A 89 0.12 13.77 4.57
C LEU A 89 0.69 14.97 3.82
N LEU A 90 0.62 14.95 2.49
CA LEU A 90 1.22 16.03 1.73
C LEU A 90 0.36 17.29 1.68
N ARG A 91 -0.80 17.29 2.34
CA ARG A 91 -1.55 18.52 2.57
C ARG A 91 -1.14 19.20 3.87
N ARG A 92 -0.15 18.64 4.58
CA ARG A 92 0.31 19.14 5.88
C ARG A 92 1.75 19.60 5.77
N ASP A 93 2.17 20.44 6.71
CA ASP A 93 3.59 20.78 6.80
C ASP A 93 4.37 19.77 7.60
N TYR A 94 3.74 19.15 8.60
CA TYR A 94 4.40 18.20 9.49
C TYR A 94 3.45 17.06 9.83
N TYR A 95 4.03 15.90 10.14
CA TYR A 95 3.32 14.78 10.75
C TYR A 95 4.25 14.17 11.78
N THR A 96 3.75 13.17 12.52
CA THR A 96 4.55 12.56 13.58
C THR A 96 4.74 11.07 13.33
N GLU A 97 5.73 10.53 14.04
CA GLU A 97 5.91 9.08 14.03
C GLU A 97 4.65 8.37 14.57
N ARG A 98 4.01 8.95 15.59
CA ARG A 98 2.79 8.38 16.13
C ARG A 98 1.66 8.33 15.09
N ASP A 99 1.53 9.39 14.27
CA ASP A 99 0.58 9.34 13.15
C ASP A 99 0.84 8.12 12.27
N ILE A 100 2.11 7.90 11.91
CA ILE A 100 2.44 6.81 10.99
C ILE A 100 2.13 5.46 11.63
N ALA A 101 2.50 5.29 12.91
CA ALA A 101 2.16 4.04 13.61
C ALA A 101 0.65 3.78 13.59
N HIS A 102 -0.15 4.83 13.77
CA HIS A 102 -1.60 4.70 13.69
C HIS A 102 -2.05 4.17 12.32
N TYR A 103 -1.46 4.70 11.23
CA TYR A 103 -1.83 4.23 9.90
C TYR A 103 -1.34 2.81 9.64
N ILE A 104 -0.12 2.49 10.08
CA ILE A 104 0.45 1.17 9.79
C ILE A 104 -0.27 0.08 10.58
N ARG A 105 -0.69 0.37 11.82
CA ARG A 105 -1.41 -0.64 12.58
C ARG A 105 -2.70 -1.03 11.86
N GLN A 106 -3.42 -0.05 11.31
CA GLN A 106 -4.64 -0.36 10.57
C GLN A 106 -4.35 -1.14 9.29
N THR A 107 -3.26 -0.77 8.60
CA THR A 107 -2.81 -1.53 7.44
C THR A 107 -2.56 -2.99 7.81
N LEU A 108 -1.93 -3.22 8.98
CA LEU A 108 -1.68 -4.58 9.43
C LEU A 108 -2.96 -5.31 9.78
N TRP A 109 -3.94 -4.60 10.36
CA TRP A 109 -5.23 -5.24 10.64
C TRP A 109 -5.91 -5.70 9.34
N GLY A 110 -5.85 -4.86 8.30
CA GLY A 110 -6.37 -5.29 7.00
C GLY A 110 -5.63 -6.50 6.46
N LEU A 111 -4.29 -6.45 6.46
CA LEU A 111 -3.50 -7.58 5.99
C LEU A 111 -3.76 -8.82 6.83
N GLU A 112 -3.92 -8.66 8.14
CA GLU A 112 -4.17 -9.81 9.00
C GLU A 112 -5.45 -10.54 8.60
N HIS A 113 -6.50 -9.77 8.29
CA HIS A 113 -7.77 -10.36 7.82
C HIS A 113 -7.54 -11.22 6.57
N MET A 114 -6.72 -10.72 5.64
CA MET A 114 -6.42 -11.46 4.41
C MET A 114 -5.57 -12.69 4.72
N HIS A 115 -4.47 -12.52 5.47
CA HIS A 115 -3.59 -13.64 5.76
C HIS A 115 -4.32 -14.74 6.49
N GLU A 116 -5.24 -14.37 7.39
CA GLU A 116 -6.01 -15.38 8.15
C GLU A 116 -6.79 -16.30 7.23
N MET A 117 -7.28 -15.80 6.10
CA MET A 117 -8.03 -16.66 5.18
C MET A 117 -7.14 -17.18 4.06
N GLY A 118 -5.83 -17.08 4.21
CA GLY A 118 -4.89 -17.69 3.29
C GLY A 118 -4.58 -16.89 2.06
N VAL A 119 -4.80 -15.57 2.08
CA VAL A 119 -4.61 -14.71 0.91
C VAL A 119 -3.53 -13.67 1.20
N GLY A 120 -2.57 -13.53 0.28
CA GLY A 120 -1.59 -12.46 0.32
C GLY A 120 -1.99 -11.33 -0.61
N HIS A 121 -1.63 -10.10 -0.22
CA HIS A 121 -1.99 -8.93 -1.04
C HIS A 121 -1.16 -8.87 -2.31
N MET A 122 0.16 -9.02 -2.17
CA MET A 122 1.15 -9.23 -3.21
C MET A 122 1.55 -7.94 -3.93
N GLY A 123 0.86 -6.81 -3.72
CA GLY A 123 1.17 -5.63 -4.49
C GLY A 123 1.05 -4.32 -3.73
N LEU A 124 1.37 -4.32 -2.45
CA LEU A 124 1.17 -3.12 -1.63
C LEU A 124 2.21 -2.05 -1.95
N THR A 125 1.75 -0.82 -2.19
CA THR A 125 2.63 0.33 -2.39
C THR A 125 2.06 1.50 -1.57
N ILE A 126 2.80 2.61 -1.53
CA ILE A 126 2.32 3.75 -0.75
C ILE A 126 1.03 4.33 -1.28
N LYS A 127 0.71 4.15 -2.57
CA LYS A 127 -0.54 4.70 -3.09
C LYS A 127 -1.77 3.89 -2.70
N ASP A 128 -1.60 2.70 -2.14
CA ASP A 128 -2.73 1.82 -1.90
C ASP A 128 -3.32 1.99 -0.50
N LEU A 129 -2.77 2.92 0.28
CA LEU A 129 -3.31 3.27 1.59
C LEU A 129 -4.19 4.49 1.38
N LEU A 130 -5.48 4.36 1.72
CA LEU A 130 -6.46 5.42 1.50
C LEU A 130 -7.05 5.86 2.83
N ILE A 131 -7.68 7.04 2.86
CA ILE A 131 -8.35 7.56 4.04
C ILE A 131 -9.84 7.69 3.75
N SER A 132 -10.68 7.19 4.66
CA SER A 132 -12.09 6.96 4.33
C SER A 132 -12.93 8.24 4.26
N VAL A 133 -12.62 9.26 5.08
CA VAL A 133 -13.38 10.51 5.06
C VAL A 133 -12.41 11.68 4.99
N VAL A 134 -12.87 12.80 4.40
CA VAL A 134 -12.05 14.00 4.34
C VAL A 134 -11.64 14.40 5.75
N GLY A 135 -10.33 14.60 5.96
CA GLY A 135 -9.81 14.95 7.27
C GLY A 135 -9.77 13.82 8.28
N GLY A 136 -10.05 12.59 7.86
CA GLY A 136 -10.18 11.47 8.79
C GLY A 136 -8.88 10.72 9.02
N ASP A 137 -9.01 9.64 9.79
CA ASP A 137 -7.82 8.85 10.14
C ASP A 137 -8.06 7.35 10.02
N ILE A 138 -9.12 6.92 9.34
CA ILE A 138 -9.38 5.50 9.11
C ILE A 138 -8.80 5.10 7.77
N ILE A 139 -7.96 4.06 7.78
CA ILE A 139 -7.24 3.58 6.60
C ILE A 139 -8.11 2.57 5.86
N LYS A 140 -8.11 2.65 4.53
CA LYS A 140 -8.67 1.59 3.69
C LYS A 140 -7.55 1.11 2.76
N VAL A 141 -7.29 -0.18 2.79
CA VAL A 141 -6.30 -0.79 1.89
C VAL A 141 -7.02 -1.18 0.61
N SER A 142 -6.36 -0.98 -0.54
CA SER A 142 -6.96 -1.16 -1.85
CA SER A 142 -7.02 -1.28 -1.80
C SER A 142 -6.00 -1.94 -2.74
N ASP A 143 -6.44 -2.13 -3.99
CA ASP A 143 -5.72 -2.72 -5.11
C ASP A 143 -5.39 -4.20 -4.93
N PHE A 144 -6.37 -5.06 -5.19
CA PHE A 144 -6.21 -6.49 -4.99
C PHE A 144 -5.99 -7.23 -6.31
N GLY A 145 -5.51 -6.53 -7.34
CA GLY A 145 -5.34 -7.16 -8.64
C GLY A 145 -4.37 -8.32 -8.64
N LEU A 146 -3.35 -8.28 -7.78
CA LEU A 146 -2.36 -9.35 -7.71
C LEU A 146 -2.59 -10.31 -6.55
N SER A 147 -3.62 -10.08 -5.74
CA SER A 147 -3.82 -10.87 -4.52
C SER A 147 -4.14 -12.33 -4.86
N ARG A 148 -3.70 -13.25 -3.99
CA ARG A 148 -3.90 -14.66 -4.31
C ARG A 148 -3.82 -15.54 -3.07
N LYS A 149 -4.42 -16.73 -3.19
CA LYS A 149 -4.28 -17.75 -2.17
C LYS A 149 -2.85 -18.27 -2.16
N ILE A 150 -2.25 -18.32 -0.98
CA ILE A 150 -0.89 -18.83 -0.81
C ILE A 150 -0.97 -20.15 -0.06
N ASN A 151 -0.33 -21.18 -0.62
CA ASN A 151 -0.07 -22.44 0.06
C ASN A 151 1.39 -22.38 0.52
N ARG A 152 1.60 -22.27 1.83
CA ARG A 152 2.95 -22.07 2.36
C ARG A 152 3.89 -23.21 2.02
N HIS A 153 3.36 -24.38 1.69
CA HIS A 153 4.16 -25.55 1.37
C HIS A 153 4.22 -25.82 -0.14
N ASN A 154 3.72 -24.90 -0.96
CA ASN A 154 3.75 -25.03 -2.42
C ASN A 154 3.70 -23.60 -3.01
N LEU A 155 4.82 -22.90 -2.89
CA LEU A 155 4.91 -21.50 -3.30
C LEU A 155 5.10 -21.37 -4.81
N SER A 156 4.68 -20.23 -5.34
CA SER A 156 4.82 -19.92 -6.77
C SER A 156 5.45 -18.55 -6.91
N THR A 157 6.00 -18.28 -8.10
CA THR A 157 6.60 -16.97 -8.32
C THR A 157 5.53 -15.89 -8.43
N LEU A 158 5.96 -14.65 -8.21
CA LEU A 158 5.13 -13.47 -8.46
C LEU A 158 5.77 -12.72 -9.61
N ASP A 159 5.05 -12.57 -10.72
CA ASP A 159 5.66 -12.12 -11.97
C ASP A 159 5.39 -10.66 -12.30
N TYR A 160 4.71 -9.94 -11.40
CA TYR A 160 4.28 -8.57 -11.67
C TYR A 160 4.49 -7.73 -10.42
N GLY A 161 4.65 -6.42 -10.62
CA GLY A 161 4.66 -5.50 -9.51
C GLY A 161 5.35 -4.21 -9.85
N MET A 162 5.26 -3.26 -8.93
CA MET A 162 5.94 -1.97 -9.07
C MET A 162 7.37 -2.11 -8.55
N PRO A 163 8.39 -1.85 -9.37
CA PRO A 163 9.75 -2.29 -9.02
C PRO A 163 10.28 -1.71 -7.72
N GLU A 164 9.85 -0.52 -7.32
CA GLU A 164 10.36 0.09 -6.10
C GLU A 164 9.73 -0.52 -4.85
N PHE A 165 8.74 -1.43 -5.00
CA PHE A 165 8.10 -2.04 -3.84
C PHE A 165 8.04 -3.56 -3.90
N VAL A 166 8.93 -4.21 -4.65
CA VAL A 166 8.97 -5.67 -4.63
C VAL A 166 10.05 -6.12 -3.65
N SER A 167 10.10 -7.42 -3.39
CA SER A 167 11.01 -8.03 -2.43
C SER A 167 12.11 -8.78 -3.16
N PRO A 168 13.22 -9.13 -2.45
CA PRO A 168 14.29 -9.87 -3.13
C PRO A 168 13.82 -11.17 -3.77
N GLU A 169 12.87 -11.86 -3.14
CA GLU A 169 12.44 -13.14 -3.70
C GLU A 169 11.68 -12.94 -5.01
N VAL A 170 11.03 -11.79 -5.19
CA VAL A 170 10.43 -11.47 -6.48
C VAL A 170 11.52 -11.26 -7.53
N VAL A 171 12.53 -10.45 -7.22
CA VAL A 171 13.59 -10.18 -8.19
C VAL A 171 14.32 -11.46 -8.56
N ASN A 172 14.57 -12.33 -7.58
CA ASN A 172 15.30 -13.59 -7.80
C ASN A 172 14.42 -14.70 -8.38
N LYS A 173 13.14 -14.43 -8.63
CA LYS A 173 12.22 -15.39 -9.25
C LYS A 173 12.06 -16.65 -8.40
N GLU A 174 11.95 -16.45 -7.09
CA GLU A 174 11.72 -17.54 -6.15
C GLU A 174 10.25 -17.57 -5.72
N GLY A 175 9.88 -18.62 -4.98
CA GLY A 175 8.53 -18.70 -4.45
C GLY A 175 8.26 -17.56 -3.47
N VAL A 176 7.02 -17.08 -3.48
CA VAL A 176 6.62 -15.90 -2.73
C VAL A 176 5.58 -16.30 -1.68
N ASN A 177 5.85 -15.96 -0.43
CA ASN A 177 5.05 -16.34 0.73
C ASN A 177 4.37 -15.10 1.31
N PHE A 178 3.65 -15.30 2.41
CA PHE A 178 3.04 -14.17 3.14
C PHE A 178 4.09 -13.16 3.59
N SER A 179 5.32 -13.61 3.78
CA SER A 179 6.41 -12.72 4.22
C SER A 179 6.76 -11.66 3.18
N HIS A 180 6.36 -11.84 1.93
CA HIS A 180 6.54 -10.77 0.95
C HIS A 180 5.73 -9.53 1.30
N ASP A 181 4.45 -9.71 1.68
CA ASP A 181 3.66 -8.57 2.16
C ASP A 181 4.34 -7.87 3.33
N MET A 182 4.96 -8.64 4.23
CA MET A 182 5.57 -8.04 5.41
C MET A 182 6.80 -7.23 5.05
N TRP A 183 7.59 -7.69 4.07
CA TRP A 183 8.65 -6.85 3.52
C TRP A 183 8.09 -5.53 3.01
N THR A 184 6.99 -5.59 2.23
CA THR A 184 6.46 -4.34 1.69
C THR A 184 5.92 -3.43 2.80
N VAL A 185 5.41 -3.98 3.90
CA VAL A 185 5.03 -3.13 5.04
C VAL A 185 6.26 -2.41 5.61
N GLY A 186 7.38 -3.14 5.76
CA GLY A 186 8.59 -2.49 6.26
C GLY A 186 9.08 -1.41 5.31
N LEU A 187 8.96 -1.64 4.01
CA LEU A 187 9.38 -0.63 3.04
C LEU A 187 8.48 0.60 3.09
N ILE A 188 7.17 0.38 3.16
CA ILE A 188 6.23 1.50 3.25
C ILE A 188 6.48 2.30 4.53
N THR A 189 6.73 1.61 5.64
CA THR A 189 6.97 2.32 6.90
C THR A 189 8.26 3.14 6.81
N TYR A 190 9.31 2.57 6.21
CA TYR A 190 10.56 3.33 6.02
C TYR A 190 10.30 4.59 5.21
N VAL A 191 9.56 4.46 4.10
CA VAL A 191 9.25 5.61 3.25
C VAL A 191 8.42 6.64 4.00
N LEU A 192 7.41 6.19 4.77
CA LEU A 192 6.56 7.18 5.45
C LEU A 192 7.32 7.94 6.54
N LEU A 193 8.23 7.27 7.24
CA LEU A 193 8.93 7.97 8.32
C LEU A 193 10.11 8.78 7.80
N GLY A 194 10.94 8.20 6.94
CA GLY A 194 12.13 8.88 6.47
C GLY A 194 11.98 9.64 5.16
N GLY A 195 10.89 9.42 4.43
CA GLY A 195 10.63 10.19 3.23
C GLY A 195 11.45 9.79 2.01
N HIS A 196 12.11 8.64 2.03
CA HIS A 196 12.83 8.18 0.84
C HIS A 196 12.74 6.67 0.78
N ASN A 197 12.90 6.14 -0.42
CA ASN A 197 12.91 4.69 -0.64
C ASN A 197 14.36 4.23 -0.61
N PRO A 198 14.75 3.35 0.32
CA PRO A 198 16.17 3.02 0.48
C PRO A 198 16.72 2.11 -0.61
N PHE A 199 15.90 1.68 -1.57
CA PHE A 199 16.39 0.88 -2.69
C PHE A 199 16.27 1.59 -4.02
N LEU A 200 15.94 2.88 -4.03
CA LEU A 200 15.74 3.59 -5.28
C LEU A 200 17.04 3.70 -6.07
N GLY A 201 17.03 3.24 -7.31
CA GLY A 201 18.13 3.43 -8.23
C GLY A 201 17.81 4.51 -9.26
N ILE A 202 18.76 4.69 -10.19
CA ILE A 202 18.58 5.71 -11.23
C ILE A 202 17.46 5.33 -12.19
N ASP A 203 17.21 4.03 -12.39
CA ASP A 203 16.13 3.57 -13.23
C ASP A 203 15.62 2.26 -12.64
N ASP A 204 14.60 1.69 -13.28
CA ASP A 204 13.95 0.51 -12.72
C ASP A 204 14.92 -0.66 -12.61
N ARG A 205 15.76 -0.86 -13.63
CA ARG A 205 16.72 -1.96 -13.57
C ARG A 205 17.64 -1.82 -12.37
N GLU A 206 18.14 -0.61 -12.10
CA GLU A 206 19.06 -0.45 -10.96
C GLU A 206 18.32 -0.64 -9.63
N THR A 207 17.11 -0.11 -9.53
CA THR A 207 16.29 -0.36 -8.33
C THR A 207 16.18 -1.86 -8.06
N LEU A 208 15.87 -2.63 -9.09
CA LEU A 208 15.73 -4.07 -8.92
C LEU A 208 17.05 -4.72 -8.47
N THR A 209 18.19 -4.26 -9.03
CA THR A 209 19.45 -4.82 -8.57
C THR A 209 19.71 -4.45 -7.11
N LYS A 210 19.30 -3.27 -6.68
CA LYS A 210 19.51 -2.89 -5.27
C LYS A 210 18.65 -3.75 -4.35
N ILE A 211 17.41 -4.04 -4.76
CA ILE A 211 16.56 -4.91 -3.96
C ILE A 211 17.13 -6.32 -3.92
N ARG A 212 17.61 -6.82 -5.06
CA ARG A 212 18.23 -8.14 -5.11
C ARG A 212 19.42 -8.22 -4.16
N GLU A 213 20.21 -7.14 -4.05
CA GLU A 213 21.34 -7.12 -3.13
C GLU A 213 20.89 -7.02 -1.68
N GLY A 214 19.77 -6.34 -1.41
CA GLY A 214 19.12 -6.38 -0.11
C GLY A 214 19.68 -5.48 0.97
N ARG A 215 20.66 -4.63 0.67
CA ARG A 215 21.29 -3.81 1.69
C ARG A 215 20.68 -2.42 1.73
N TRP A 216 20.57 -1.88 2.95
CA TRP A 216 19.93 -0.59 3.23
C TRP A 216 20.43 -0.14 4.60
N ASP A 217 20.25 1.14 4.93
CA ASP A 217 20.68 1.63 6.24
C ASP A 217 19.81 2.81 6.67
N PHE A 218 20.08 3.29 7.89
CA PHE A 218 19.43 4.46 8.47
C PHE A 218 20.35 5.66 8.48
N LYS A 219 20.98 5.99 7.35
CA LYS A 219 22.04 7.01 7.39
C LYS A 219 21.51 8.44 7.48
N ASP A 220 20.34 8.72 6.92
CA ASP A 220 19.81 10.09 6.89
CA ASP A 220 19.84 10.08 6.89
C ASP A 220 19.56 10.60 8.31
N GLU A 221 19.73 11.90 8.47
CA GLU A 221 19.66 12.52 9.80
C GLU A 221 18.31 12.29 10.48
N ILE A 222 17.22 12.18 9.70
CA ILE A 222 15.89 12.06 10.31
C ILE A 222 15.81 10.87 11.24
N TRP A 223 16.57 9.81 10.95
CA TRP A 223 16.43 8.58 11.71
C TRP A 223 16.90 8.72 13.15
N THR A 224 17.78 9.69 13.45
CA THR A 224 18.16 9.90 14.84
C THR A 224 16.99 10.42 15.68
N HIS A 225 15.92 10.90 15.05
CA HIS A 225 14.78 11.43 15.77
C HIS A 225 13.60 10.48 15.78
N ILE A 226 13.72 9.31 15.15
CA ILE A 226 12.71 8.26 15.22
C ILE A 226 13.03 7.39 16.43
N SER A 227 12.00 6.89 17.11
CA SER A 227 12.22 6.10 18.32
C SER A 227 12.97 4.80 18.01
N ASP A 228 13.66 4.28 19.03
CA ASP A 228 14.28 2.96 18.93
C ASP A 228 13.29 1.90 18.44
N ASP A 229 12.08 1.90 19.00
CA ASP A 229 11.08 0.90 18.63
C ASP A 229 10.68 1.02 17.16
N GLY A 230 10.56 2.25 16.65
CA GLY A 230 10.20 2.41 15.24
C GLY A 230 11.25 1.85 14.31
N ARG A 231 12.53 2.15 14.59
CA ARG A 231 13.61 1.60 13.78
C ARG A 231 13.67 0.08 13.91
N ASP A 232 13.41 -0.44 15.10
CA ASP A 232 13.44 -1.89 15.32
C ASP A 232 12.34 -2.58 14.52
N PHE A 233 11.15 -2.00 14.53
CA PHE A 233 10.04 -2.53 13.73
C PHE A 233 10.43 -2.68 12.25
N ILE A 234 10.95 -1.61 11.65
CA ILE A 234 11.39 -1.69 10.26
C ILE A 234 12.47 -2.74 10.08
N SER A 235 13.43 -2.79 11.01
CA SER A 235 14.58 -3.67 10.86
CA SER A 235 14.59 -3.67 10.87
C SER A 235 14.21 -5.14 10.99
N ARG A 236 13.06 -5.44 11.62
CA ARG A 236 12.57 -6.82 11.71
C ARG A 236 11.66 -7.19 10.53
N LEU A 237 11.48 -6.29 9.56
CA LEU A 237 10.74 -6.57 8.35
C LEU A 237 11.60 -6.53 7.09
N LEU A 238 12.54 -5.58 7.02
CA LEU A 238 13.42 -5.47 5.85
C LEU A 238 14.61 -6.40 5.98
N LEU A 239 14.30 -7.70 6.03
CA LEU A 239 15.31 -8.74 6.13
C LEU A 239 15.34 -9.55 4.85
N TYR A 240 16.55 -9.84 4.36
CA TYR A 240 16.70 -10.54 3.10
C TYR A 240 16.04 -11.92 3.15
N SER A 241 16.27 -12.66 4.23
CA SER A 241 15.70 -14.01 4.36
C SER A 241 14.23 -13.92 4.74
N PRO A 242 13.30 -14.42 3.92
CA PRO A 242 11.87 -14.22 4.21
C PRO A 242 11.45 -14.82 5.54
N GLU A 243 12.02 -15.96 5.92
CA GLU A 243 11.60 -16.64 7.15
C GLU A 243 12.00 -15.86 8.40
N GLU A 244 12.99 -14.97 8.29
CA GLU A 244 13.41 -14.18 9.44
C GLU A 244 12.47 -13.02 9.74
N ARG A 245 11.65 -12.60 8.78
CA ARG A 245 10.77 -11.45 8.99
C ARG A 245 9.65 -11.77 9.97
N MET A 246 9.16 -10.74 10.67
CA MET A 246 7.98 -10.90 11.50
C MET A 246 6.78 -11.26 10.63
N ASP A 247 5.98 -12.23 11.07
CA ASP A 247 4.68 -12.42 10.41
C ASP A 247 3.70 -11.33 10.89
N VAL A 248 2.49 -11.33 10.33
CA VAL A 248 1.58 -10.20 10.56
C VAL A 248 1.14 -10.13 12.03
N LYS A 249 0.92 -11.29 12.67
CA LYS A 249 0.47 -11.25 14.07
C LYS A 249 1.60 -10.89 15.03
N THR A 250 2.83 -11.32 14.74
CA THR A 250 3.97 -10.86 15.53
C THR A 250 4.20 -9.35 15.36
N ALA A 251 4.04 -8.84 14.14
CA ALA A 251 4.21 -7.41 13.90
C ALA A 251 3.20 -6.61 14.70
N LEU A 252 1.96 -7.09 14.78
CA LEU A 252 0.95 -6.38 15.57
C LEU A 252 1.28 -6.36 17.07
N LYS A 253 2.11 -7.29 17.55
CA LYS A 253 2.51 -7.29 18.95
C LYS A 253 3.77 -6.48 19.22
N HIS A 254 4.35 -5.85 18.21
CA HIS A 254 5.64 -5.18 18.39
C HIS A 254 5.49 -3.97 19.32
N PRO A 255 6.49 -3.71 20.17
CA PRO A 255 6.40 -2.57 21.11
C PRO A 255 6.19 -1.21 20.45
N TRP A 256 6.53 -1.05 19.17
CA TRP A 256 6.28 0.22 18.48
C TRP A 256 4.86 0.72 18.70
N PHE A 257 3.87 -0.18 18.67
CA PHE A 257 2.48 0.26 18.78
C PHE A 257 2.03 0.57 20.20
N PHE A 258 2.87 0.31 21.20
CA PHE A 258 2.50 0.65 22.58
C PHE A 258 2.25 2.14 22.73
N MET A 259 2.92 2.98 21.93
CA MET A 259 2.72 4.42 22.04
C MET A 259 1.29 4.83 21.72
N LEU A 260 0.56 4.04 20.94
CA LEU A 260 -0.83 4.35 20.63
C LEU A 260 -1.77 4.11 21.80
N ASP A 261 -1.29 3.47 22.88
CA ASP A 261 -2.12 3.25 24.06
C ASP A 261 -2.04 4.41 25.05
N ARG A 262 -1.04 5.26 24.93
CA ARG A 262 -0.89 6.49 25.70
C ARG A 262 -1.41 7.67 24.88
N PRO A 263 -1.51 8.87 25.48
CA PRO A 263 -1.99 10.03 24.73
C PRO A 263 -0.90 10.77 23.97
N VAL A 264 -1.35 11.62 23.04
CA VAL A 264 -0.48 12.47 22.25
C VAL A 264 -0.15 13.72 23.06
N TYR A 265 1.14 13.90 23.40
CA TYR A 265 1.55 15.07 24.17
C TYR A 265 2.26 16.08 23.28
N ASP A 266 2.70 17.17 23.92
CA ASP A 266 3.36 18.31 23.30
C ASP A 266 4.82 18.05 22.99
N HIS A 267 5.27 16.80 23.04
CA HIS A 267 6.68 16.49 22.85
C HIS A 267 6.94 15.53 21.70
N ASP A 268 5.93 15.22 20.89
CA ASP A 268 6.16 14.41 19.70
C ASP A 268 7.07 15.16 18.72
N TYR A 269 8.08 14.46 18.21
CA TYR A 269 8.93 15.06 17.18
C TYR A 269 8.13 15.31 15.91
N GLN A 270 8.34 16.49 15.30
CA GLN A 270 7.58 16.89 14.11
C GLN A 270 8.41 16.68 12.86
N ILE A 271 7.95 15.79 11.99
CA ILE A 271 8.62 15.41 10.75
C ILE A 271 8.10 16.27 9.60
N GLY A 272 9.00 16.97 8.91
CA GLY A 272 8.60 17.77 7.78
C GLY A 272 8.26 16.91 6.57
N THR A 273 7.38 17.42 5.71
CA THR A 273 6.86 16.68 4.56
C THR A 273 7.71 16.81 3.29
N ASP A 274 8.80 17.59 3.32
CA ASP A 274 9.54 17.88 2.09
C ASP A 274 10.14 16.60 1.46
N ARG A 275 10.79 15.76 2.27
CA ARG A 275 11.39 14.54 1.71
C ARG A 275 10.33 13.63 1.09
N LEU A 276 9.26 13.36 1.83
CA LEU A 276 8.18 12.52 1.32
C LEU A 276 7.58 13.12 0.05
N ARG A 277 7.43 14.44 0.01
CA ARG A 277 6.91 15.11 -1.18
CA ARG A 277 6.90 15.08 -1.19
C ARG A 277 7.81 14.86 -2.39
N ASN A 278 9.13 14.91 -2.19
CA ASN A 278 10.05 14.69 -3.30
C ASN A 278 9.98 13.25 -3.79
N TYR A 279 9.91 12.29 -2.86
CA TYR A 279 9.80 10.90 -3.30
C TYR A 279 8.46 10.65 -3.98
N TYR A 280 7.38 11.25 -3.46
CA TYR A 280 6.07 11.00 -4.06
C TYR A 280 6.00 11.52 -5.50
N ASP A 281 6.59 12.68 -5.76
CA ASP A 281 6.62 13.21 -7.12
C ASP A 281 7.28 12.22 -8.07
N HIS A 282 8.38 11.59 -7.63
CA HIS A 282 9.03 10.56 -8.43
C HIS A 282 8.12 9.35 -8.62
N PHE A 283 7.53 8.86 -7.52
CA PHE A 283 6.68 7.67 -7.55
C PHE A 283 5.47 7.88 -8.46
N ARG A 284 4.81 9.03 -8.33
CA ARG A 284 3.62 9.32 -9.14
C ARG A 284 3.95 9.31 -10.62
N ASP A 285 5.10 9.86 -10.99
CA ASP A 285 5.47 9.92 -12.41
CA ASP A 285 5.49 9.92 -12.40
C ASP A 285 5.66 8.53 -13.00
N TRP A 286 5.93 7.51 -12.19
CA TRP A 286 6.07 6.16 -12.72
C TRP A 286 4.75 5.68 -13.36
N TYR A 287 3.62 6.09 -12.81
CA TYR A 287 2.31 5.71 -13.35
C TYR A 287 1.83 6.64 -14.46
N ALA A 288 2.46 7.80 -14.64
CA ALA A 288 2.17 8.59 -15.82
C ALA A 288 2.75 7.94 -17.06
N ASN A 289 3.96 7.38 -16.94
CA ASN A 289 4.61 6.65 -18.02
C ASN A 289 4.07 5.22 -18.10
#